data_8OUK
#
_entry.id   8OUK
#
_cell.length_a   59.120
_cell.length_b   59.120
_cell.length_c   119.730
_cell.angle_alpha   90.00
_cell.angle_beta   90.00
_cell.angle_gamma   90.00
#
_symmetry.space_group_name_H-M   'P 43 21 2'
#
loop_
_entity.id
_entity.type
_entity.pdbx_description
1 polymer 'Arf GTPase'
2 non-polymer "GUANOSINE-5'-TRIPHOSPHATE"
3 non-polymer 'MAGNESIUM ION'
4 water water
#
_entity_poly.entity_id   1
_entity_poly.type   'polypeptide(L)'
_entity_poly.pdbx_seq_one_letter_code
;MKTTVKVAWVGLDYAGKSTIIKRITQGVFSDDTKRTLGLNVDEFTSDNIKFVCWDIGGLQVFRDSLWDAYIAGSSGIIYV
VDSAAPERFEEARTELWKWVIENSKVGDIPILILANKQDLPEARSAGEVARALDLHKVLKHSYAIVPCSAASGFNLEDAL
EWLRQRITEMILEHHHHHH
;
_entity_poly.pdbx_strand_id   A
#
# COMPACT_ATOMS: atom_id res chain seq x y z
N MET A 1 14.91 -18.82 11.36
CA MET A 1 15.33 -17.50 10.91
C MET A 1 14.37 -16.94 9.87
N LYS A 2 14.00 -15.65 9.99
CA LYS A 2 13.10 -15.03 9.04
C LYS A 2 13.86 -14.14 8.07
N THR A 3 13.36 -14.00 6.83
CA THR A 3 14.00 -13.11 5.87
C THR A 3 13.36 -11.73 6.01
N THR A 4 14.18 -10.68 5.98
CA THR A 4 13.67 -9.32 6.11
C THR A 4 13.35 -8.73 4.76
N VAL A 5 12.11 -8.23 4.60
CA VAL A 5 11.72 -7.55 3.39
C VAL A 5 11.19 -6.16 3.75
N LYS A 6 11.57 -5.16 2.96
CA LYS A 6 11.17 -3.79 3.20
C LYS A 6 9.98 -3.50 2.33
N VAL A 7 8.89 -3.00 2.90
CA VAL A 7 7.68 -2.70 2.16
C VAL A 7 7.42 -1.21 2.22
N ALA A 8 7.28 -0.56 1.07
CA ALA A 8 6.98 0.86 1.03
C ALA A 8 5.48 1.04 1.00
N TRP A 9 4.92 1.74 2.01
CA TRP A 9 3.51 2.04 2.04
C TRP A 9 3.38 3.46 1.54
N VAL A 10 2.80 3.60 0.37
CA VAL A 10 2.61 4.88 -0.29
C VAL A 10 1.14 5.07 -0.67
N GLY A 11 0.81 6.26 -1.14
CA GLY A 11 -0.56 6.67 -1.38
C GLY A 11 -0.72 8.09 -0.92
N LEU A 12 -1.80 8.76 -1.35
CA LEU A 12 -1.98 10.16 -1.01
C LEU A 12 -2.12 10.34 0.49
N ASP A 13 -1.90 11.56 0.96
CA ASP A 13 -2.13 11.93 2.36
C ASP A 13 -3.64 11.66 2.65
N TYR A 14 -3.93 11.13 3.84
CA TYR A 14 -5.28 10.82 4.30
C TYR A 14 -5.83 9.48 3.74
N ALA A 15 -5.06 8.73 2.96
CA ALA A 15 -5.55 7.46 2.39
C ALA A 15 -5.81 6.39 3.46
N GLY A 16 -5.02 6.42 4.54
CA GLY A 16 -5.16 5.50 5.65
C GLY A 16 -3.98 4.58 5.89
N LYS A 17 -2.81 4.89 5.28
CA LYS A 17 -1.63 4.04 5.45
C LYS A 17 -1.26 3.80 6.94
N SER A 18 -1.11 4.88 7.70
CA SER A 18 -0.72 4.76 9.10
C SER A 18 -1.79 4.04 9.91
N THR A 19 -3.06 4.31 9.63
CA THR A 19 -4.16 3.66 10.36
C THR A 19 -4.22 2.13 10.10
N ILE A 20 -3.99 1.71 8.84
CA ILE A 20 -3.95 0.28 8.50
C ILE A 20 -2.79 -0.39 9.26
N ILE A 21 -1.59 0.22 9.22
CA ILE A 21 -0.43 -0.36 9.93
C ILE A 21 -0.72 -0.46 11.45
N LYS A 22 -1.36 0.57 12.02
CA LYS A 22 -1.73 0.51 13.45
C LYS A 22 -2.72 -0.62 13.71
N ARG A 23 -3.71 -0.83 12.81
CA ARG A 23 -4.72 -1.89 12.98
C ARG A 23 -4.06 -3.27 12.93
N ILE A 24 -3.09 -3.45 12.03
CA ILE A 24 -2.36 -4.71 11.92
C ILE A 24 -1.41 -4.96 13.12
N THR A 25 -0.60 -3.97 13.50
CA THR A 25 0.39 -4.16 14.56
C THR A 25 -0.14 -4.03 15.99
N GLN A 26 -1.18 -3.23 16.20
CA GLN A 26 -1.71 -2.98 17.54
C GLN A 26 -3.11 -3.62 17.76
N GLY A 27 -3.79 -4.00 16.68
CA GLY A 27 -5.12 -4.61 16.75
C GLY A 27 -6.24 -3.64 17.09
N VAL A 28 -6.00 -2.34 16.88
CA VAL A 28 -7.01 -1.34 17.22
C VAL A 28 -7.19 -0.28 16.12
N PHE A 29 -8.42 0.23 15.98
CA PHE A 29 -8.70 1.26 14.99
C PHE A 29 -8.61 2.64 15.62
N SER A 30 -7.75 3.51 15.06
CA SER A 30 -7.71 4.90 15.54
C SER A 30 -8.40 5.74 14.49
N ASP A 31 -9.54 6.32 14.84
CA ASP A 31 -10.28 7.19 13.93
C ASP A 31 -9.73 8.62 13.86
N ASP A 32 -8.69 8.93 14.66
CA ASP A 32 -8.11 10.24 14.78
C ASP A 32 -6.61 10.26 14.52
N THR A 33 -6.13 9.36 13.65
CA THR A 33 -4.71 9.26 13.30
C THR A 33 -4.21 10.58 12.75
N LYS A 34 -3.03 11.02 13.21
CA LYS A 34 -2.49 12.30 12.80
C LYS A 34 -1.60 12.16 11.59
N ARG A 35 -1.56 13.21 10.76
CA ARG A 35 -0.74 13.26 9.54
C ARG A 35 0.72 12.92 9.82
N THR A 36 1.30 12.07 8.96
CA THR A 36 2.68 11.64 9.09
C THR A 36 3.58 12.70 8.48
N LEU A 37 4.51 13.26 9.26
CA LEU A 37 5.37 14.33 8.78
C LEU A 37 6.77 13.83 8.46
N GLY A 38 6.86 12.68 7.85
CA GLY A 38 8.14 12.11 7.47
C GLY A 38 8.01 10.61 7.27
N LEU A 39 8.67 9.83 8.13
CA LEU A 39 8.63 8.38 7.99
C LEU A 39 8.26 7.74 9.31
N ASN A 40 7.41 6.72 9.27
CA ASN A 40 7.16 5.86 10.41
C ASN A 40 7.75 4.51 10.03
N VAL A 41 8.50 3.89 10.93
CA VAL A 41 9.03 2.55 10.70
C VAL A 41 8.36 1.59 11.70
N ASP A 42 7.71 0.53 11.21
CA ASP A 42 7.09 -0.47 12.10
C ASP A 42 7.41 -1.88 11.56
N GLU A 43 7.20 -2.89 12.38
CA GLU A 43 7.45 -4.27 11.99
C GLU A 43 6.27 -5.14 12.34
N PHE A 44 6.07 -6.16 11.53
CA PHE A 44 5.11 -7.22 11.82
C PHE A 44 5.59 -8.50 11.14
N THR A 45 5.43 -9.64 11.82
CA THR A 45 5.89 -10.90 11.26
C THR A 45 4.72 -11.77 10.87
N SER A 46 4.83 -12.39 9.72
CA SER A 46 3.81 -13.31 9.22
C SER A 46 4.59 -14.46 8.69
N ASP A 47 4.64 -15.57 9.47
CA ASP A 47 5.37 -16.79 9.13
C ASP A 47 6.89 -16.47 8.96
N ASN A 48 7.62 -17.08 7.95
CA ASN A 48 9.06 -16.88 7.68
C ASN A 48 9.43 -15.46 7.23
N ILE A 49 8.51 -14.51 7.31
CA ILE A 49 8.79 -13.14 6.85
C ILE A 49 8.74 -12.08 7.95
N LYS A 50 9.81 -11.27 8.05
CA LYS A 50 9.76 -10.08 8.91
C LYS A 50 9.44 -8.90 7.99
N PHE A 51 8.25 -8.32 8.09
CA PHE A 51 7.89 -7.16 7.25
C PHE A 51 8.36 -5.86 7.90
N VAL A 52 9.27 -5.10 7.26
CA VAL A 52 9.66 -3.79 7.77
C VAL A 52 8.79 -2.81 6.99
N CYS A 53 7.87 -2.13 7.67
CA CYS A 53 6.94 -1.22 7.01
C CYS A 53 7.51 0.20 6.99
N TRP A 54 7.74 0.72 5.80
CA TRP A 54 8.16 2.10 5.66
C TRP A 54 6.87 2.86 5.32
N ASP A 55 6.30 3.55 6.30
CA ASP A 55 5.08 4.31 6.12
C ASP A 55 5.52 5.75 5.88
N ILE A 56 5.45 6.18 4.64
CA ILE A 56 5.96 7.48 4.27
C ILE A 56 4.81 8.44 4.16
N GLY A 57 4.98 9.67 4.68
CA GLY A 57 3.95 10.70 4.55
C GLY A 57 3.55 10.92 3.09
N GLY A 58 2.26 11.04 2.85
CA GLY A 58 1.74 11.19 1.50
C GLY A 58 1.55 12.61 1.06
N LEU A 59 1.83 13.62 1.93
CA LEU A 59 1.71 15.02 1.54
C LEU A 59 2.72 15.31 0.41
N GLN A 60 2.38 16.23 -0.49
CA GLN A 60 3.23 16.57 -1.64
C GLN A 60 4.71 16.74 -1.32
N VAL A 61 5.04 17.47 -0.23
CA VAL A 61 6.42 17.67 0.18
C VAL A 61 7.17 16.36 0.42
N PHE A 62 6.51 15.35 0.98
CA PHE A 62 7.17 14.05 1.24
C PHE A 62 7.27 13.20 -0.02
N ARG A 63 6.35 13.38 -0.99
CA ARG A 63 6.46 12.64 -2.25
C ARG A 63 7.74 13.13 -2.96
N ASP A 64 7.96 14.45 -2.97
CA ASP A 64 9.10 15.02 -3.68
C ASP A 64 10.43 14.85 -2.98
N SER A 65 10.44 14.56 -1.66
CA SER A 65 11.73 14.43 -0.97
C SER A 65 12.03 12.99 -0.54
N LEU A 66 11.03 12.24 -0.11
CA LEU A 66 11.25 10.91 0.44
C LEU A 66 10.80 9.71 -0.38
N TRP A 67 9.70 9.83 -1.16
CA TRP A 67 9.17 8.66 -1.88
C TRP A 67 10.16 7.94 -2.76
N ASP A 68 10.97 8.70 -3.51
CA ASP A 68 11.91 8.08 -4.46
C ASP A 68 12.81 7.02 -3.79
N ALA A 69 13.46 7.38 -2.68
CA ALA A 69 14.39 6.48 -2.02
C ALA A 69 13.72 5.25 -1.42
N TYR A 70 12.61 5.41 -0.72
CA TYR A 70 11.95 4.27 -0.06
C TYR A 70 11.28 3.35 -1.07
N ILE A 71 10.71 3.90 -2.13
CA ILE A 71 10.15 3.05 -3.20
C ILE A 71 11.29 2.27 -3.88
N ALA A 72 12.39 2.96 -4.24
CA ALA A 72 13.53 2.29 -4.88
C ALA A 72 14.20 1.20 -4.02
N GLY A 73 14.16 1.35 -2.69
CA GLY A 73 14.80 0.38 -1.81
C GLY A 73 13.90 -0.74 -1.32
N SER A 74 12.59 -0.71 -1.67
CA SER A 74 11.64 -1.69 -1.18
C SER A 74 11.64 -3.00 -1.98
N SER A 75 11.13 -4.06 -1.35
CA SER A 75 10.91 -5.39 -1.92
C SER A 75 9.44 -5.59 -2.37
N GLY A 76 8.55 -4.70 -1.94
CA GLY A 76 7.12 -4.72 -2.23
C GLY A 76 6.55 -3.35 -1.97
N ILE A 77 5.50 -3.00 -2.70
CA ILE A 77 4.84 -1.70 -2.56
C ILE A 77 3.37 -1.91 -2.29
N ILE A 78 2.88 -1.18 -1.29
CA ILE A 78 1.45 -1.13 -1.02
C ILE A 78 1.01 0.32 -1.31
N TYR A 79 0.09 0.49 -2.26
CA TYR A 79 -0.44 1.81 -2.60
C TYR A 79 -1.87 1.88 -2.08
N VAL A 80 -2.07 2.73 -1.06
CA VAL A 80 -3.35 2.83 -0.38
C VAL A 80 -4.15 3.97 -0.97
N VAL A 81 -5.45 3.73 -1.17
CA VAL A 81 -6.37 4.73 -1.70
C VAL A 81 -7.57 4.88 -0.79
N ASP A 82 -8.02 6.12 -0.53
CA ASP A 82 -9.23 6.34 0.23
C ASP A 82 -10.39 6.15 -0.79
N SER A 83 -11.09 5.02 -0.70
CA SER A 83 -12.21 4.71 -1.62
C SER A 83 -13.39 5.67 -1.45
N ALA A 84 -13.48 6.32 -0.28
CA ALA A 84 -14.56 7.26 0.00
C ALA A 84 -14.18 8.73 -0.31
N ALA A 85 -13.04 8.96 -0.99
CA ALA A 85 -12.63 10.30 -1.40
C ALA A 85 -12.45 10.37 -2.93
N PRO A 86 -13.56 10.22 -3.68
CA PRO A 86 -13.46 10.24 -5.15
C PRO A 86 -12.97 11.58 -5.72
N GLU A 87 -13.05 12.66 -4.93
CA GLU A 87 -12.53 13.98 -5.33
C GLU A 87 -11.00 13.94 -5.56
N ARG A 88 -10.33 12.91 -5.04
CA ARG A 88 -8.90 12.77 -5.23
C ARG A 88 -8.48 11.53 -6.00
N PHE A 89 -9.42 10.87 -6.71
CA PHE A 89 -9.06 9.71 -7.52
C PHE A 89 -8.11 10.08 -8.65
N GLU A 90 -8.32 11.23 -9.33
CA GLU A 90 -7.41 11.60 -10.45
C GLU A 90 -5.98 11.83 -9.92
N GLU A 91 -5.89 12.46 -8.76
CA GLU A 91 -4.60 12.72 -8.12
C GLU A 91 -3.97 11.38 -7.71
N ALA A 92 -4.77 10.46 -7.17
CA ALA A 92 -4.24 9.15 -6.74
C ALA A 92 -3.75 8.34 -7.97
N ARG A 93 -4.46 8.45 -9.10
CA ARG A 93 -4.05 7.78 -10.33
C ARG A 93 -2.73 8.38 -10.81
N THR A 94 -2.62 9.71 -10.83
CA THR A 94 -1.40 10.38 -11.30
C THR A 94 -0.17 9.93 -10.50
N GLU A 95 -0.29 9.88 -9.16
CA GLU A 95 0.84 9.49 -8.32
C GLU A 95 1.16 8.03 -8.40
N LEU A 96 0.15 7.17 -8.57
CA LEU A 96 0.40 5.72 -8.70
C LEU A 96 1.22 5.47 -9.99
N TRP A 97 0.85 6.17 -11.08
CA TRP A 97 1.52 5.98 -12.35
C TRP A 97 2.93 6.59 -12.36
N LYS A 98 3.11 7.75 -11.71
CA LYS A 98 4.42 8.39 -11.67
C LYS A 98 5.39 7.59 -10.81
N TRP A 99 4.94 7.19 -9.61
CA TRP A 99 5.83 6.60 -8.61
C TRP A 99 5.91 5.09 -8.60
N VAL A 100 5.00 4.42 -9.30
CA VAL A 100 4.99 2.96 -9.30
C VAL A 100 4.97 2.40 -10.73
N ILE A 101 3.88 2.64 -11.51
CA ILE A 101 3.72 1.99 -12.81
C ILE A 101 4.84 2.35 -13.77
N GLU A 102 5.11 3.64 -13.91
CA GLU A 102 6.13 4.14 -14.83
C GLU A 102 7.43 4.56 -14.15
N ASN A 103 7.66 4.11 -12.93
CA ASN A 103 8.90 4.40 -12.23
C ASN A 103 9.91 3.31 -12.60
N SER A 104 10.98 3.65 -13.33
CA SER A 104 11.97 2.64 -13.75
C SER A 104 12.68 1.97 -12.59
N LYS A 105 12.68 2.59 -11.40
CA LYS A 105 13.30 1.98 -10.22
C LYS A 105 12.46 0.86 -9.61
N VAL A 106 11.20 0.67 -10.07
CA VAL A 106 10.35 -0.40 -9.58
C VAL A 106 10.45 -1.56 -10.58
N GLY A 107 11.08 -2.64 -10.17
CA GLY A 107 11.22 -3.81 -11.02
C GLY A 107 10.01 -4.72 -10.92
N ASP A 108 10.26 -6.02 -10.98
CA ASP A 108 9.17 -7.00 -10.93
C ASP A 108 8.88 -7.39 -9.49
N ILE A 109 8.50 -6.41 -8.67
CA ILE A 109 8.21 -6.65 -7.27
C ILE A 109 6.70 -6.63 -7.05
N PRO A 110 6.21 -7.22 -5.94
CA PRO A 110 4.77 -7.18 -5.66
C PRO A 110 4.23 -5.77 -5.49
N ILE A 111 3.09 -5.48 -6.14
CA ILE A 111 2.40 -4.20 -6.07
C ILE A 111 0.97 -4.50 -5.64
N LEU A 112 0.61 -4.06 -4.45
CA LEU A 112 -0.72 -4.30 -3.88
C LEU A 112 -1.43 -2.98 -3.70
N ILE A 113 -2.61 -2.83 -4.33
CA ILE A 113 -3.39 -1.62 -4.20
C ILE A 113 -4.47 -1.92 -3.17
N LEU A 114 -4.56 -1.10 -2.12
CA LEU A 114 -5.61 -1.29 -1.12
C LEU A 114 -6.68 -0.23 -1.30
N ALA A 115 -7.91 -0.65 -1.64
CA ALA A 115 -9.03 0.29 -1.77
C ALA A 115 -9.61 0.37 -0.37
N ASN A 116 -9.05 1.27 0.45
CA ASN A 116 -9.34 1.40 1.88
C ASN A 116 -10.63 2.18 2.21
N LYS A 117 -11.05 2.12 3.49
CA LYS A 117 -12.23 2.82 4.03
C LYS A 117 -13.54 2.27 3.48
N GLN A 118 -13.59 0.95 3.18
CA GLN A 118 -14.82 0.31 2.68
C GLN A 118 -16.00 0.38 3.66
N ASP A 119 -15.71 0.66 4.93
CA ASP A 119 -16.76 0.80 5.95
C ASP A 119 -17.58 2.09 5.76
N LEU A 120 -17.03 3.10 5.07
CA LEU A 120 -17.73 4.38 4.90
C LEU A 120 -18.82 4.30 3.85
N PRO A 121 -19.97 4.97 4.06
CA PRO A 121 -21.07 4.86 3.09
C PRO A 121 -20.76 5.27 1.65
N GLU A 122 -19.85 6.23 1.44
CA GLU A 122 -19.52 6.68 0.07
C GLU A 122 -18.36 5.91 -0.57
N ALA A 123 -17.86 4.84 0.07
CA ALA A 123 -16.75 4.09 -0.47
C ALA A 123 -17.10 3.43 -1.80
N ARG A 124 -16.27 3.70 -2.80
CA ARG A 124 -16.39 3.08 -4.12
C ARG A 124 -15.90 1.64 -3.99
N SER A 125 -16.42 0.75 -4.82
CA SER A 125 -16.00 -0.66 -4.81
C SER A 125 -14.54 -0.81 -5.29
N ALA A 126 -13.94 -1.99 -5.09
CA ALA A 126 -12.59 -2.26 -5.60
C ALA A 126 -12.56 -2.11 -7.13
N GLY A 127 -13.63 -2.56 -7.82
CA GLY A 127 -13.73 -2.45 -9.27
C GLY A 127 -13.76 -1.00 -9.73
N GLU A 128 -14.52 -0.16 -9.03
CA GLU A 128 -14.61 1.26 -9.34
C GLU A 128 -13.26 1.94 -9.09
N VAL A 129 -12.58 1.61 -7.97
CA VAL A 129 -11.28 2.19 -7.67
C VAL A 129 -10.25 1.73 -8.72
N ALA A 130 -10.30 0.45 -9.12
CA ALA A 130 -9.38 -0.07 -10.16
C ALA A 130 -9.51 0.72 -11.45
N ARG A 131 -10.74 1.00 -11.89
CA ARG A 131 -10.98 1.78 -13.10
C ARG A 131 -10.53 3.24 -12.93
N ALA A 132 -10.80 3.85 -11.75
CA ALA A 132 -10.36 5.22 -11.49
C ALA A 132 -8.84 5.37 -11.53
N LEU A 133 -8.10 4.31 -11.13
CA LEU A 133 -6.63 4.34 -11.15
C LEU A 133 -6.03 3.88 -12.50
N ASP A 134 -6.88 3.55 -13.47
CA ASP A 134 -6.49 3.00 -14.77
C ASP A 134 -5.70 1.72 -14.59
N LEU A 135 -6.03 0.91 -13.58
CA LEU A 135 -5.35 -0.39 -13.41
C LEU A 135 -5.58 -1.28 -14.63
N HIS A 136 -6.75 -1.16 -15.25
CA HIS A 136 -7.08 -1.92 -16.46
C HIS A 136 -6.24 -1.51 -17.68
N LYS A 137 -5.41 -0.44 -17.55
CA LYS A 137 -4.48 0.04 -18.57
C LYS A 137 -3.00 -0.32 -18.24
N VAL A 138 -2.75 -0.99 -17.12
CA VAL A 138 -1.42 -1.42 -16.72
C VAL A 138 -1.10 -2.66 -17.56
N LEU A 139 -0.07 -2.58 -18.40
CA LEU A 139 0.22 -3.65 -19.36
C LEU A 139 1.44 -4.48 -19.07
N LYS A 140 2.37 -3.96 -18.26
CA LYS A 140 3.64 -4.63 -18.06
C LYS A 140 3.93 -5.05 -16.63
N HIS A 141 3.16 -4.58 -15.65
CA HIS A 141 3.38 -4.98 -14.27
C HIS A 141 2.26 -5.84 -13.77
N SER A 142 2.58 -6.82 -12.93
CA SER A 142 1.55 -7.57 -12.22
C SER A 142 1.06 -6.70 -11.06
N TYR A 143 -0.19 -6.90 -10.63
CA TYR A 143 -0.71 -6.17 -9.48
C TYR A 143 -1.92 -6.91 -8.89
N ALA A 144 -2.23 -6.57 -7.66
CA ALA A 144 -3.45 -7.01 -7.01
C ALA A 144 -4.18 -5.79 -6.49
N ILE A 145 -5.49 -5.90 -6.39
CA ILE A 145 -6.31 -4.87 -5.77
C ILE A 145 -7.22 -5.53 -4.77
N VAL A 146 -7.22 -5.03 -3.55
CA VAL A 146 -8.04 -5.62 -2.49
C VAL A 146 -8.82 -4.53 -1.79
N PRO A 147 -10.16 -4.68 -1.66
CA PRO A 147 -10.93 -3.69 -0.87
C PRO A 147 -10.70 -4.00 0.62
N CYS A 148 -10.53 -2.96 1.46
CA CYS A 148 -10.28 -3.20 2.88
C CYS A 148 -10.82 -2.08 3.77
N SER A 149 -10.75 -2.28 5.09
CA SER A 149 -11.14 -1.27 6.07
C SER A 149 -10.26 -1.41 7.30
N ALA A 150 -9.58 -0.33 7.71
CA ALA A 150 -8.84 -0.34 8.99
C ALA A 150 -9.85 -0.30 10.15
N ALA A 151 -11.06 0.25 9.92
CA ALA A 151 -12.09 0.38 10.94
C ALA A 151 -12.65 -0.96 11.37
N SER A 152 -12.94 -1.84 10.41
CA SER A 152 -13.49 -3.15 10.72
C SER A 152 -12.47 -4.29 10.65
N GLY A 153 -11.32 -4.05 10.02
CA GLY A 153 -10.30 -5.05 9.78
C GLY A 153 -10.54 -5.86 8.50
N PHE A 154 -11.64 -5.56 7.77
CA PHE A 154 -12.06 -6.28 6.56
C PHE A 154 -10.94 -6.43 5.57
N ASN A 155 -10.63 -7.70 5.23
CA ASN A 155 -9.61 -8.09 4.27
C ASN A 155 -8.17 -7.75 4.61
N LEU A 156 -7.86 -7.24 5.83
CA LEU A 156 -6.46 -6.88 6.13
C LEU A 156 -5.58 -8.13 6.27
N GLU A 157 -6.13 -9.19 6.87
CA GLU A 157 -5.39 -10.46 6.98
C GLU A 157 -5.16 -11.04 5.57
N ASP A 158 -6.18 -11.02 4.72
CA ASP A 158 -6.07 -11.57 3.37
C ASP A 158 -5.09 -10.74 2.52
N ALA A 159 -5.07 -9.42 2.69
CA ALA A 159 -4.14 -8.56 1.94
C ALA A 159 -2.69 -8.86 2.35
N LEU A 160 -2.42 -9.02 3.66
CA LEU A 160 -1.07 -9.33 4.15
C LEU A 160 -0.64 -10.74 3.71
N GLU A 161 -1.59 -11.66 3.63
CA GLU A 161 -1.33 -13.02 3.19
C GLU A 161 -0.95 -13.02 1.70
N TRP A 162 -1.59 -12.14 0.89
CA TRP A 162 -1.25 -12.02 -0.52
C TRP A 162 0.21 -11.56 -0.65
N LEU A 163 0.61 -10.55 0.14
CA LEU A 163 1.98 -10.04 0.07
C LEU A 163 3.00 -11.10 0.49
N ARG A 164 2.70 -11.84 1.56
CA ARG A 164 3.59 -12.90 2.04
C ARG A 164 3.76 -13.98 0.98
N GLN A 165 2.64 -14.35 0.33
CA GLN A 165 2.66 -15.37 -0.73
C GLN A 165 3.52 -14.90 -1.90
N ARG A 166 3.36 -13.65 -2.34
CA ARG A 166 4.11 -13.13 -3.50
C ARG A 166 5.60 -13.01 -3.23
N ILE A 167 5.95 -12.54 -2.03
CA ILE A 167 7.36 -12.48 -1.63
C ILE A 167 7.95 -13.89 -1.53
N THR A 168 7.19 -14.84 -0.94
CA THR A 168 7.69 -16.21 -0.79
C THR A 168 7.86 -16.90 -2.14
N GLU A 169 6.94 -16.64 -3.07
CA GLU A 169 6.97 -17.21 -4.41
C GLU A 169 8.23 -16.73 -5.14
N MET A 170 8.60 -15.46 -5.00
CA MET A 170 9.80 -14.93 -5.63
C MET A 170 11.05 -15.62 -5.12
N ILE A 171 11.13 -15.82 -3.80
CA ILE A 171 12.26 -16.54 -3.18
C ILE A 171 12.33 -17.99 -3.67
N LEU A 172 11.19 -18.71 -3.64
CA LEU A 172 11.15 -20.10 -4.05
C LEU A 172 11.44 -20.35 -5.54
N GLU A 173 10.94 -19.47 -6.42
CA GLU A 173 11.14 -19.58 -7.86
C GLU A 173 12.60 -19.36 -8.23
N HIS A 174 13.28 -18.42 -7.54
CA HIS A 174 14.69 -18.14 -7.77
C HIS A 174 15.55 -19.32 -7.32
N HIS A 175 15.21 -19.92 -6.17
CA HIS A 175 15.95 -21.08 -5.68
C HIS A 175 15.61 -22.32 -6.52
#